data_8HB8
#
_entry.id   8HB8
#
_cell.length_a   121.362
_cell.length_b   121.362
_cell.length_c   109.055
_cell.angle_alpha   90.000
_cell.angle_beta   90.000
_cell.angle_gamma   90.000
#
_symmetry.space_group_name_H-M   'I 41 2 2'
#
loop_
_entity.id
_entity.type
_entity.pdbx_description
1 polymer 'RNA (55-MER)'
2 non-polymer 'BETA-NICOTINAMIDE RIBOSE MONOPHOSPHATE'
3 non-polymer 'BARIUM ION'
#
_entity_poly.entity_id   1
_entity_poly.type   'polyribonucleotide'
_entity_poly.pdbx_seq_one_letter_code
;GCGGCGUUGCGUCCGAAAGUCUAAACAGACACGGCCGCUUAAAAACAAAAGGAGA
;
_entity_poly.pdbx_strand_id   A
#
loop_
_chem_comp.id
_chem_comp.type
_chem_comp.name
_chem_comp.formula
A RNA linking ADENOSINE-5'-MONOPHOSPHATE 'C10 H14 N5 O7 P'
BA non-polymer 'BARIUM ION' 'Ba 2'
C RNA linking CYTIDINE-5'-MONOPHOSPHATE 'C9 H14 N3 O8 P'
G RNA linking GUANOSINE-5'-MONOPHOSPHATE 'C10 H14 N5 O8 P'
NMN non-polymer 'BETA-NICOTINAMIDE RIBOSE MONOPHOSPHATE' 'C11 H16 N2 O8 P 1'
U RNA linking URIDINE-5'-MONOPHOSPHATE 'C9 H13 N2 O9 P'
#
# COMPACT_ATOMS: atom_id res chain seq x y z
O3P NMN B . 5.71 9.78 -1.06
P NMN B . 6.53 8.47 -1.15
O1P NMN B . 7.11 8.34 -2.53
O2P NMN B . 7.66 8.53 -0.14
O5R NMN B . 5.55 7.19 -0.82
C5R NMN B . 5.12 7.00 0.50
C4R NMN B . 5.15 5.50 0.87
O4R NMN B . 4.52 4.64 -0.34
C3R NMN B . 6.37 5.06 1.02
O3R NMN B . 6.81 5.27 2.43
C2R NMN B . 6.24 3.57 0.72
O2R NMN B . 5.78 2.90 1.85
C1R NMN B . 5.17 3.51 -0.40
N1 NMN B . 5.80 3.36 -1.73
C2 NMN B . 6.44 2.19 -2.04
C3 NMN B . 7.02 2.03 -3.27
C7 NMN B . 7.79 0.64 -3.59
O7 NMN B . 8.22 0.40 -4.74
N7 NMN B . 7.99 -0.34 -2.54
C4 NMN B . 6.96 3.00 -4.17
C5 NMN B . 6.32 4.15 -3.88
C6 NMN B . 5.73 4.32 -2.64
H5R1 NMN B . 4.14 7.35 0.58
H5R2 NMN B . 5.74 7.52 1.13
H4RC NMN B . 4.63 5.34 1.77
H3RC NMN B . 7.03 5.51 0.40
H3RO NMN B . 7.72 5.09 2.50
H2RC NMN B . 7.18 3.15 0.39
H2RO NMN B . 5.69 3.48 2.54
H1RC NMN B . 4.46 2.64 -0.19
HC2 NMN B . 6.50 1.39 -1.29
HN71 NMN B . 7.66 -0.16 -1.67
HN72 NMN B . 8.46 -1.19 -2.73
HC4 NMN B . 7.43 2.87 -5.17
HC5 NMN B . 6.26 4.90 -4.57
HC6 NMN B . 5.19 5.27 -2.39
O3P NMN C . -9.66 -3.92 4.99
P NMN C . -8.62 -4.67 4.14
O1P NMN C . -7.70 -5.43 5.05
O2P NMN C . -9.33 -5.62 3.21
O5R NMN C . -7.74 -3.60 3.24
C5R NMN C . -7.13 -2.48 3.81
C4R NMN C . -6.90 -1.37 2.76
O4R NMN C . -5.68 -1.76 1.78
C3R NMN C . -7.94 -1.23 1.97
O3R NMN C . -8.00 0.17 1.46
C2R NMN C . -7.67 -2.16 0.80
O2R NMN C . -8.40 -1.77 -0.32
C1R NMN C . -6.16 -1.98 0.61
N1 NMN C . -5.58 -3.21 0.04
C2 NMN C . -5.28 -4.25 0.85
C3 NMN C . -4.75 -5.40 0.33
C7 NMN C . -4.40 -6.63 1.32
O7 NMN C . -4.75 -6.57 2.51
N7 NMN C . -3.68 -7.79 0.83
C4 NMN C . -4.53 -5.50 -0.98
C5 NMN C . -4.81 -4.46 -1.79
C6 NMN C . -5.35 -3.31 -1.27
H5R1 NMN C . -6.22 -2.76 4.22
H5R2 NMN C . -7.74 -2.11 4.57
H4RC NMN C . -6.71 -0.45 3.24
H3RC NMN C . -8.79 -1.49 2.46
H3RO NMN C . -8.78 0.28 0.95
H2RC NMN C . -7.94 -3.20 1.02
H2RO NMN C . -7.91 -1.21 -0.82
H1RC NMN C . -5.96 -1.08 -0.08
HC2 NMN C . -5.49 -4.18 1.93
HN71 NMN C . -3.47 -8.50 1.42
HN72 NMN C . -3.39 -7.84 -0.12
HC4 NMN C . -4.09 -6.43 -1.40
HC5 NMN C . -4.64 -4.54 -2.80
HC6 NMN C . -5.60 -2.45 -1.94
BA BA D . 0.71 -1.93 -8.66
BA BA E . 11.12 9.28 0.79
BA BA F . 6.85 -14.06 -2.10
BA BA G . -6.06 -6.58 6.91
BA BA H . -3.90 -12.50 8.36
BA BA I . -10.80 12.80 -7.96
BA BA J . 4.80 -10.76 -8.96
#